data_6RNW
#
_entry.id   6RNW
#
_cell.length_a   66.990
_cell.length_b   66.990
_cell.length_c   131.970
_cell.angle_alpha   90.000
_cell.angle_beta   90.000
_cell.angle_gamma   120.000
#
_symmetry.space_group_name_H-M   'P 31 2 1'
#
loop_
_entity.id
_entity.type
_entity.pdbx_description
1 polymer 'NADPH-protochlorophyllide oxidoreductase'
2 non-polymer 'NADP NICOTINAMIDE-ADENINE-DINUCLEOTIDE PHOSPHATE'
3 water water
#
_entity_poly.entity_id   1
_entity_poly.type   'polypeptide(L)'
_entity_poly.pdbx_seq_one_letter_code
;MKHHHHHHPMSDYDIPTTENLYFQGAMAMSDQPRPTVIITGASSGVGLYATKALANRGWHVIMACRNLEKAEQAAKNLQI
PPEAYTILHLDLSSLASVRGFVESFRALNRPLRALVCNAAVYYPLLKEPIYSVDGYEITVATNHLGHFLLINLLLEDLKN
SPESDKRLVILGTVTANRKELGGKIPIPAPPDLGNLEGFEKGFKKPIAMINGKPFKSGKAYKDSKLCNMLTARELHRRFH
ESTGIVFNSLYPGCVADTPLFRHHFPLFQKLFPLFQKKITGGYVSQELAGERVAMVVADPEFRQSGVHWSWGNRQKEGRK
AFVQELSAEASDEQKARRLWELSEKLVGLA
;
_entity_poly.pdbx_strand_id   A
#
loop_
_chem_comp.id
_chem_comp.type
_chem_comp.name
_chem_comp.formula
NAP non-polymer 'NADP NICOTINAMIDE-ADENINE-DINUCLEOTIDE PHOSPHATE' 'C21 H28 N7 O17 P3'
#
# COMPACT_ATOMS: atom_id res chain seq x y z
N PRO A 33 -20.45 16.42 2.46
CA PRO A 33 -19.04 16.74 2.26
C PRO A 33 -18.21 15.57 1.73
N ARG A 34 -18.76 14.35 1.77
CA ARG A 34 -18.19 13.16 1.14
C ARG A 34 -16.86 12.74 1.77
N PRO A 35 -16.79 11.57 2.43
CA PRO A 35 -15.51 11.10 2.99
C PRO A 35 -14.47 10.87 1.89
N THR A 36 -13.21 11.10 2.25
CA THR A 36 -12.11 11.05 1.29
C THR A 36 -11.19 9.87 1.57
N VAL A 37 -10.89 9.11 0.51
CA VAL A 37 -9.99 7.96 0.56
C VAL A 37 -8.96 8.12 -0.56
N ILE A 38 -7.70 7.82 -0.24
CA ILE A 38 -6.61 7.78 -1.21
C ILE A 38 -6.39 6.34 -1.63
N ILE A 39 -6.32 6.09 -2.93
CA ILE A 39 -6.03 4.75 -3.46
C ILE A 39 -4.81 4.85 -4.38
N THR A 40 -3.74 4.14 -4.02
CA THR A 40 -2.56 4.08 -4.89
C THR A 40 -2.80 3.07 -6.01
N GLY A 41 -2.24 3.36 -7.18
CA GLY A 41 -2.40 2.46 -8.32
C GLY A 41 -3.84 2.35 -8.77
N ALA A 42 -4.53 3.48 -8.86
CA ALA A 42 -5.97 3.50 -9.15
C ALA A 42 -6.28 3.47 -10.64
N SER A 43 -5.28 3.44 -11.50
CA SER A 43 -5.52 3.55 -12.93
C SER A 43 -5.76 2.21 -13.62
N SER A 44 -5.75 1.11 -12.87
CA SER A 44 -5.88 -0.22 -13.45
C SER A 44 -6.29 -1.21 -12.38
N GLY A 45 -6.93 -2.29 -12.81
CA GLY A 45 -7.11 -3.47 -11.97
C GLY A 45 -7.93 -3.22 -10.72
N VAL A 46 -7.51 -3.88 -9.64
CA VAL A 46 -8.23 -3.80 -8.37
C VAL A 46 -8.42 -2.36 -7.93
N GLY A 47 -7.37 -1.55 -8.06
CA GLY A 47 -7.45 -0.19 -7.57
C GLY A 47 -8.46 0.65 -8.34
N LEU A 48 -8.53 0.43 -9.65
CA LEU A 48 -9.52 1.16 -10.44
C LEU A 48 -10.94 0.75 -10.07
N TYR A 49 -11.18 -0.54 -9.90
CA TYR A 49 -12.52 -0.98 -9.55
C TYR A 49 -12.85 -0.70 -8.09
N ALA A 50 -11.86 -0.59 -7.21
CA ALA A 50 -12.12 -0.08 -5.87
C ALA A 50 -12.53 1.40 -5.92
N THR A 51 -11.86 2.19 -6.76
CA THR A 51 -12.26 3.58 -7.00
C THR A 51 -13.72 3.66 -7.42
N LYS A 52 -14.11 2.85 -8.41
CA LYS A 52 -15.51 2.79 -8.85
C LYS A 52 -16.44 2.46 -7.70
N ALA A 53 -16.07 1.46 -6.90
CA ALA A 53 -16.99 0.99 -5.86
C ALA A 53 -17.17 2.02 -4.76
N LEU A 54 -16.09 2.68 -4.36
CA LEU A 54 -16.22 3.69 -3.30
C LEU A 54 -16.86 4.97 -3.83
N ALA A 55 -16.60 5.34 -5.09
CA ALA A 55 -17.34 6.47 -5.67
C ALA A 55 -18.83 6.19 -5.66
N ASN A 56 -19.23 4.95 -6.01
CA ASN A 56 -20.63 4.58 -5.96
C ASN A 56 -21.18 4.67 -4.55
N ARG A 57 -20.36 4.42 -3.53
CA ARG A 57 -20.86 4.45 -2.16
C ARG A 57 -20.91 5.87 -1.57
N GLY A 58 -20.52 6.87 -2.34
CA GLY A 58 -20.58 8.25 -1.90
C GLY A 58 -19.28 8.83 -1.40
N TRP A 59 -18.16 8.17 -1.64
CA TRP A 59 -16.86 8.68 -1.23
C TRP A 59 -16.25 9.52 -2.35
N HIS A 60 -15.32 10.38 -1.97
CA HIS A 60 -14.47 11.07 -2.93
C HIS A 60 -13.12 10.37 -2.93
N VAL A 61 -12.69 9.89 -4.08
CA VAL A 61 -11.48 9.07 -4.19
C VAL A 61 -10.36 9.91 -4.78
N ILE A 62 -9.22 9.93 -4.10
CA ILE A 62 -7.98 10.48 -4.66
C ILE A 62 -7.29 9.35 -5.41
N MET A 63 -7.24 9.44 -6.73
CA MET A 63 -6.56 8.46 -7.57
C MET A 63 -5.09 8.87 -7.66
N ALA A 64 -4.25 8.18 -6.91
CA ALA A 64 -2.82 8.49 -6.80
C ALA A 64 -2.09 7.63 -7.81
N CYS A 65 -1.79 8.18 -8.98
CA CYS A 65 -1.31 7.39 -10.10
C CYS A 65 -0.07 8.02 -10.74
N ARG A 66 0.72 7.17 -11.39
CA ARG A 66 1.97 7.63 -11.98
C ARG A 66 1.80 8.14 -13.42
N ASN A 67 0.73 7.75 -14.10
CA ASN A 67 0.45 8.16 -15.49
C ASN A 67 -0.89 8.89 -15.49
N LEU A 68 -0.83 10.22 -15.41
CA LEU A 68 -2.05 11.00 -15.23
C LEU A 68 -3.01 10.85 -16.40
N GLU A 69 -2.48 10.67 -17.61
CA GLU A 69 -3.33 10.57 -18.79
C GLU A 69 -4.01 9.20 -18.86
N LYS A 70 -3.31 8.14 -18.47
CA LYS A 70 -3.93 6.83 -18.37
C LYS A 70 -5.01 6.81 -17.29
N ALA A 71 -4.80 7.58 -16.22
CA ALA A 71 -5.76 7.57 -15.11
C ALA A 71 -7.05 8.31 -15.49
N GLU A 72 -6.93 9.49 -16.11
CA GLU A 72 -8.13 10.21 -16.53
C GLU A 72 -8.88 9.41 -17.58
N GLN A 73 -8.15 8.76 -18.50
CA GLN A 73 -8.80 7.89 -19.47
C GLN A 73 -9.52 6.73 -18.78
N ALA A 74 -8.93 6.18 -17.71
CA ALA A 74 -9.55 5.02 -17.06
C ALA A 74 -10.77 5.42 -16.26
N ALA A 75 -10.73 6.59 -15.60
CA ALA A 75 -11.88 7.04 -14.83
C ALA A 75 -13.07 7.35 -15.75
N LYS A 76 -12.83 8.13 -16.80
CA LYS A 76 -13.86 8.36 -17.81
C LYS A 76 -14.38 7.04 -18.37
N ASN A 77 -13.46 6.14 -18.69
CA ASN A 77 -13.83 4.85 -19.26
C ASN A 77 -14.81 4.08 -18.37
N LEU A 78 -14.65 4.15 -17.05
CA LEU A 78 -15.57 3.47 -16.15
C LEU A 78 -16.75 4.35 -15.72
N GLN A 79 -16.88 5.53 -16.31
CA GLN A 79 -18.04 6.42 -16.11
C GLN A 79 -18.19 6.87 -14.66
N ILE A 80 -17.05 7.11 -13.99
CA ILE A 80 -17.03 7.64 -12.64
C ILE A 80 -17.34 9.13 -12.69
N PRO A 81 -18.34 9.61 -11.97
CA PRO A 81 -18.65 11.05 -11.96
C PRO A 81 -17.45 11.87 -11.54
N PRO A 82 -17.15 12.97 -12.24
CA PRO A 82 -15.96 13.77 -11.87
C PRO A 82 -16.06 14.40 -10.50
N GLU A 83 -17.25 14.56 -9.93
CA GLU A 83 -17.35 15.07 -8.56
C GLU A 83 -16.72 14.09 -7.57
N ALA A 84 -16.65 12.81 -7.93
CA ALA A 84 -16.28 11.75 -7.00
C ALA A 84 -14.80 11.41 -7.03
N TYR A 85 -14.00 12.06 -7.87
CA TYR A 85 -12.59 11.70 -7.90
C TYR A 85 -11.71 12.90 -8.26
N THR A 86 -10.47 12.82 -7.81
CA THR A 86 -9.41 13.76 -8.12
C THR A 86 -8.16 12.95 -8.44
N ILE A 87 -7.53 13.20 -9.59
CA ILE A 87 -6.32 12.49 -9.98
C ILE A 87 -5.12 13.35 -9.58
N LEU A 88 -4.18 12.73 -8.87
CA LEU A 88 -2.94 13.39 -8.49
C LEU A 88 -1.77 12.48 -8.84
N HIS A 89 -0.62 13.08 -9.14
CA HIS A 89 0.50 12.31 -9.61
C HIS A 89 1.25 11.64 -8.45
N LEU A 90 1.46 10.34 -8.57
CA LEU A 90 2.25 9.59 -7.60
C LEU A 90 3.04 8.52 -8.32
N ASP A 91 4.37 8.58 -8.22
CA ASP A 91 5.27 7.52 -8.68
C ASP A 91 5.98 6.97 -7.44
N LEU A 92 5.57 5.78 -7.01
CA LEU A 92 6.10 5.18 -5.80
C LEU A 92 7.57 4.82 -5.90
N SER A 93 8.10 4.67 -7.12
CA SER A 93 9.50 4.35 -7.32
C SER A 93 10.41 5.56 -7.16
N SER A 94 9.87 6.74 -6.84
CA SER A 94 10.68 7.92 -6.60
C SER A 94 10.26 8.57 -5.29
N LEU A 95 11.16 8.59 -4.32
CA LEU A 95 10.81 9.14 -3.01
C LEU A 95 10.50 10.62 -3.10
N ALA A 96 11.13 11.36 -4.02
CA ALA A 96 10.76 12.75 -4.22
C ALA A 96 9.34 12.87 -4.74
N SER A 97 8.93 11.96 -5.62
CA SER A 97 7.57 12.01 -6.15
C SER A 97 6.55 11.70 -5.06
N VAL A 98 6.86 10.76 -4.16
CA VAL A 98 5.97 10.50 -3.02
C VAL A 98 5.73 11.77 -2.22
N ARG A 99 6.81 12.47 -1.88
N ARG A 99 6.81 12.47 -1.87
CA ARG A 99 6.67 13.72 -1.15
CA ARG A 99 6.66 13.72 -1.13
C ARG A 99 5.92 14.76 -1.96
C ARG A 99 5.91 14.76 -1.96
N GLY A 100 6.08 14.75 -3.28
CA GLY A 100 5.33 15.67 -4.12
C GLY A 100 3.85 15.34 -4.16
N PHE A 101 3.52 14.05 -4.20
CA PHE A 101 2.11 13.68 -4.13
C PHE A 101 1.48 14.14 -2.81
N VAL A 102 2.19 13.95 -1.70
CA VAL A 102 1.63 14.32 -0.41
C VAL A 102 1.40 15.82 -0.35
N GLU A 103 2.33 16.59 -0.91
CA GLU A 103 2.13 18.03 -1.00
C GLU A 103 0.86 18.35 -1.78
N SER A 104 0.67 17.71 -2.93
N SER A 104 0.65 17.70 -2.92
CA SER A 104 -0.50 18.00 -3.75
CA SER A 104 -0.50 18.02 -3.74
C SER A 104 -1.78 17.61 -3.03
C SER A 104 -1.81 17.55 -3.11
N PHE A 105 -1.77 16.48 -2.32
CA PHE A 105 -2.99 16.07 -1.62
C PHE A 105 -3.33 17.06 -0.52
N ARG A 106 -2.34 17.45 0.28
CA ARG A 106 -2.60 18.36 1.39
C ARG A 106 -3.11 19.71 0.89
N ALA A 107 -2.73 20.10 -0.33
CA ALA A 107 -3.19 21.38 -0.88
C ALA A 107 -4.69 21.38 -1.15
N LEU A 108 -5.33 20.21 -1.22
CA LEU A 108 -6.77 20.17 -1.43
C LEU A 108 -7.56 20.56 -0.19
N ASN A 109 -6.93 20.53 0.98
N ASN A 109 -6.92 20.58 0.98
CA ASN A 109 -7.61 20.86 2.23
CA ASN A 109 -7.59 20.84 2.26
C ASN A 109 -8.82 19.96 2.45
C ASN A 109 -8.82 19.96 2.43
N ARG A 110 -8.66 18.68 2.12
CA ARG A 110 -9.68 17.68 2.40
C ARG A 110 -9.23 16.77 3.54
N PRO A 111 -10.02 16.62 4.60
CA PRO A 111 -9.62 15.68 5.66
C PRO A 111 -9.70 14.24 5.16
N LEU A 112 -8.73 13.44 5.58
CA LEU A 112 -8.56 12.08 5.09
C LEU A 112 -9.31 11.11 5.99
N ARG A 113 -10.07 10.20 5.38
CA ARG A 113 -10.69 9.13 6.13
C ARG A 113 -9.98 7.79 5.98
N ALA A 114 -9.38 7.51 4.83
CA ALA A 114 -8.79 6.18 4.62
C ALA A 114 -7.72 6.24 3.56
N LEU A 115 -6.80 5.27 3.64
CA LEU A 115 -5.73 5.08 2.67
C LEU A 115 -5.70 3.61 2.29
N VAL A 116 -5.67 3.33 0.99
CA VAL A 116 -5.51 1.98 0.47
C VAL A 116 -4.17 1.92 -0.25
N CYS A 117 -3.24 1.11 0.25
CA CYS A 117 -1.97 0.86 -0.40
C CYS A 117 -2.15 -0.33 -1.33
N ASN A 118 -2.46 -0.04 -2.59
CA ASN A 118 -2.84 -1.06 -3.56
C ASN A 118 -1.82 -1.26 -4.67
N ALA A 119 -1.06 -0.23 -5.01
CA ALA A 119 -0.18 -0.30 -6.17
C ALA A 119 0.84 -1.41 -6.01
N ALA A 120 1.17 -2.06 -7.12
CA ALA A 120 2.25 -3.03 -7.11
C ALA A 120 2.80 -3.18 -8.52
N VAL A 121 4.07 -3.59 -8.59
CA VAL A 121 4.73 -3.92 -9.85
C VAL A 121 5.29 -5.33 -9.70
N TYR A 122 5.35 -6.04 -10.82
CA TYR A 122 5.88 -7.40 -10.86
C TYR A 122 6.56 -7.58 -12.21
N TYR A 123 7.81 -8.03 -12.18
CA TYR A 123 8.64 -8.16 -13.39
C TYR A 123 9.05 -9.63 -13.55
N PRO A 124 8.16 -10.47 -14.08
CA PRO A 124 8.44 -11.93 -14.04
C PRO A 124 9.66 -12.35 -14.87
N LEU A 125 10.07 -11.58 -15.87
CA LEU A 125 11.08 -12.06 -16.81
C LEU A 125 12.48 -11.52 -16.56
N LEU A 126 12.64 -10.55 -15.69
CA LEU A 126 13.97 -10.00 -15.47
C LEU A 126 14.93 -11.07 -14.96
N LYS A 127 16.16 -11.05 -15.47
CA LYS A 127 17.24 -11.84 -14.91
C LYS A 127 18.27 -10.99 -14.17
N GLU A 128 18.38 -9.72 -14.51
CA GLU A 128 19.17 -8.75 -13.77
C GLU A 128 18.22 -7.70 -13.20
N PRO A 129 18.58 -7.08 -12.09
CA PRO A 129 17.67 -6.12 -11.47
C PRO A 129 17.62 -4.78 -12.20
N ILE A 130 16.52 -4.09 -11.93
CA ILE A 130 16.29 -2.70 -12.34
C ILE A 130 16.24 -1.87 -11.07
N TYR A 131 16.90 -0.71 -11.09
CA TYR A 131 16.97 0.16 -9.92
C TYR A 131 16.21 1.45 -10.12
N SER A 132 15.52 1.88 -9.07
CA SER A 132 14.76 3.13 -9.06
C SER A 132 15.71 4.34 -9.13
N VAL A 133 15.12 5.53 -9.31
N VAL A 133 15.11 5.52 -9.31
CA VAL A 133 15.92 6.74 -9.35
CA VAL A 133 15.91 6.74 -9.35
C VAL A 133 16.72 6.89 -8.06
C VAL A 133 16.66 6.96 -8.05
N ASP A 134 16.22 6.35 -6.97
CA ASP A 134 16.87 6.48 -5.67
C ASP A 134 17.90 5.40 -5.42
N GLY A 135 18.06 4.45 -6.32
CA GLY A 135 19.08 3.43 -6.21
C GLY A 135 18.63 2.08 -5.69
N TYR A 136 17.32 1.84 -5.59
CA TYR A 136 16.78 0.66 -4.94
C TYR A 136 16.15 -0.29 -5.95
N GLU A 137 16.34 -1.59 -5.75
CA GLU A 137 15.69 -2.58 -6.60
C GLU A 137 14.22 -2.25 -6.72
N ILE A 138 13.70 -2.31 -7.95
CA ILE A 138 12.46 -1.60 -8.26
C ILE A 138 11.23 -2.26 -7.66
N THR A 139 11.22 -3.59 -7.56
CA THR A 139 10.03 -4.27 -7.00
C THR A 139 9.83 -3.88 -5.54
N VAL A 140 10.87 -4.02 -4.72
CA VAL A 140 10.81 -3.62 -3.33
C VAL A 140 10.69 -2.10 -3.20
N ALA A 141 11.37 -1.36 -4.08
CA ALA A 141 11.30 0.10 -4.00
C ALA A 141 9.88 0.58 -4.21
N THR A 142 9.18 0.02 -5.19
CA THR A 142 7.83 0.45 -5.49
C THR A 142 6.82 -0.10 -4.47
N ASN A 143 6.81 -1.42 -4.30
CA ASN A 143 5.73 -2.04 -3.55
C ASN A 143 5.86 -1.79 -2.06
N HIS A 144 7.09 -1.74 -1.53
CA HIS A 144 7.27 -1.51 -0.10
C HIS A 144 7.80 -0.12 0.23
N LEU A 145 8.96 0.28 -0.29
CA LEU A 145 9.62 1.47 0.24
C LEU A 145 8.83 2.74 -0.06
N GLY A 146 8.30 2.88 -1.28
CA GLY A 146 7.49 4.04 -1.58
C GLY A 146 6.22 4.10 -0.77
N HIS A 147 5.55 2.95 -0.62
CA HIS A 147 4.40 2.90 0.27
C HIS A 147 4.80 3.23 1.70
N PHE A 148 5.97 2.75 2.14
CA PHE A 148 6.39 2.98 3.51
C PHE A 148 6.54 4.48 3.79
N LEU A 149 7.15 5.22 2.86
CA LEU A 149 7.24 6.66 3.05
C LEU A 149 5.86 7.30 3.00
N LEU A 150 5.02 6.87 2.04
CA LEU A 150 3.68 7.44 1.92
C LEU A 150 2.89 7.25 3.21
N ILE A 151 2.94 6.04 3.76
CA ILE A 151 2.23 5.73 5.00
C ILE A 151 2.71 6.64 6.12
N ASN A 152 4.02 6.81 6.24
CA ASN A 152 4.55 7.57 7.36
C ASN A 152 4.16 9.03 7.28
N LEU A 153 4.03 9.56 6.06
CA LEU A 153 3.58 10.94 5.90
C LEU A 153 2.08 11.05 6.12
N LEU A 154 1.30 10.18 5.48
CA LEU A 154 -0.15 10.31 5.56
C LEU A 154 -0.72 9.83 6.90
N LEU A 155 0.07 9.12 7.69
CA LEU A 155 -0.35 8.85 9.07
C LEU A 155 -0.62 10.15 9.81
N GLU A 156 0.22 11.16 9.57
N GLU A 156 0.17 11.19 9.56
CA GLU A 156 0.00 12.49 10.11
CA GLU A 156 -0.11 12.45 10.23
C GLU A 156 -1.39 13.02 9.74
C GLU A 156 -1.45 13.02 9.76
N ASP A 157 -1.78 12.84 8.48
CA ASP A 157 -3.08 13.33 8.01
C ASP A 157 -4.24 12.54 8.62
N LEU A 158 -4.08 11.22 8.74
CA LEU A 158 -5.13 10.43 9.38
C LEU A 158 -5.28 10.80 10.85
N LYS A 159 -4.16 11.01 11.55
CA LYS A 159 -4.22 11.41 12.95
C LYS A 159 -4.97 12.73 13.11
N ASN A 160 -4.64 13.72 12.27
CA ASN A 160 -5.24 15.04 12.38
C ASN A 160 -6.70 15.08 11.95
N SER A 161 -7.14 14.12 11.13
CA SER A 161 -8.49 14.15 10.59
C SER A 161 -9.52 13.95 11.71
N PRO A 162 -10.65 14.68 11.68
CA PRO A 162 -11.70 14.45 12.68
C PRO A 162 -12.65 13.30 12.38
N GLU A 163 -12.47 12.57 11.28
CA GLU A 163 -13.33 11.42 11.01
C GLU A 163 -13.20 10.41 12.13
N SER A 164 -14.31 9.72 12.43
CA SER A 164 -14.35 8.78 13.54
C SER A 164 -13.97 7.35 13.15
N ASP A 165 -14.13 6.98 11.88
CA ASP A 165 -13.90 5.61 11.42
C ASP A 165 -12.82 5.63 10.34
N LYS A 166 -11.56 5.78 10.77
CA LYS A 166 -10.43 5.93 9.86
C LYS A 166 -9.71 4.60 9.72
N ARG A 167 -9.31 4.28 8.49
CA ARG A 167 -8.70 2.99 8.20
C ARG A 167 -7.55 3.12 7.21
N LEU A 168 -6.50 2.34 7.45
CA LEU A 168 -5.36 2.19 6.55
C LEU A 168 -5.31 0.73 6.14
N VAL A 169 -5.55 0.46 4.87
CA VAL A 169 -5.75 -0.88 4.32
C VAL A 169 -4.61 -1.18 3.35
N ILE A 170 -3.95 -2.31 3.55
CA ILE A 170 -2.81 -2.71 2.72
C ILE A 170 -3.19 -3.97 1.95
N LEU A 171 -2.98 -3.95 0.64
CA LEU A 171 -3.21 -5.13 -0.18
C LEU A 171 -2.08 -6.12 0.02
N GLY A 172 -2.44 -7.33 0.41
CA GLY A 172 -1.43 -8.32 0.71
C GLY A 172 -1.34 -9.41 -0.34
N THR A 173 -1.14 -10.63 0.13
CA THR A 173 -0.86 -11.74 -0.78
C THR A 173 -1.39 -13.02 -0.17
N VAL A 174 -1.26 -14.10 -0.94
CA VAL A 174 -1.76 -15.40 -0.52
C VAL A 174 -0.80 -16.11 0.42
N THR A 175 0.50 -15.85 0.29
CA THR A 175 1.56 -16.62 0.95
C THR A 175 1.54 -16.38 2.46
N ALA A 176 0.59 -17.02 3.13
CA ALA A 176 0.54 -16.99 4.59
C ALA A 176 0.19 -18.35 5.19
N PRO A 191 10.24 -17.15 -0.41
CA PRO A 191 9.76 -15.95 0.28
C PRO A 191 10.40 -15.76 1.66
N ASP A 192 11.42 -14.92 1.76
CA ASP A 192 12.16 -14.85 3.03
C ASP A 192 13.20 -13.74 3.10
N LEU A 193 13.15 -12.98 4.19
CA LEU A 193 13.92 -11.76 4.35
C LEU A 193 15.21 -11.98 5.13
N GLY A 194 15.51 -13.22 5.52
CA GLY A 194 16.75 -13.50 6.22
C GLY A 194 16.86 -12.64 7.47
N ASN A 195 18.04 -12.09 7.69
CA ASN A 195 18.27 -11.08 8.72
C ASN A 195 18.31 -9.68 8.10
N LEU A 196 17.63 -9.49 6.98
N LEU A 196 17.64 -9.50 6.96
CA LEU A 196 17.54 -8.19 6.32
CA LEU A 196 17.54 -8.21 6.27
C LEU A 196 18.92 -7.62 5.99
C LEU A 196 18.93 -7.62 6.00
N GLU A 197 19.89 -8.50 5.72
CA GLU A 197 21.25 -8.04 5.46
C GLU A 197 21.30 -7.01 4.33
N GLY A 198 20.48 -7.18 3.29
CA GLY A 198 20.51 -6.24 2.18
C GLY A 198 20.11 -4.84 2.59
N PHE A 199 19.12 -4.74 3.48
CA PHE A 199 18.71 -3.44 4.02
C PHE A 199 19.73 -2.90 5.02
N GLU A 200 20.26 -3.77 5.88
CA GLU A 200 21.28 -3.31 6.83
C GLU A 200 22.46 -2.67 6.12
N LYS A 201 22.78 -3.13 4.91
CA LYS A 201 23.90 -2.58 4.16
C LYS A 201 23.51 -1.42 3.26
N GLY A 202 22.24 -0.99 3.27
CA GLY A 202 21.84 0.20 2.56
C GLY A 202 21.10 -0.02 1.25
N PHE A 203 21.01 -1.25 0.79
CA PHE A 203 20.14 -1.66 -0.31
C PHE A 203 20.46 -0.94 -1.62
N LYS A 204 21.72 -0.55 -1.82
CA LYS A 204 22.13 0.04 -3.08
C LYS A 204 22.77 -1.01 -3.98
N LYS A 205 22.70 -0.76 -5.29
CA LYS A 205 23.38 -1.58 -6.30
C LYS A 205 24.80 -1.86 -5.84
N PRO A 206 25.28 -3.11 -5.96
CA PRO A 206 24.65 -4.27 -6.59
C PRO A 206 23.75 -5.12 -5.69
N ILE A 207 23.47 -4.65 -4.48
CA ILE A 207 22.48 -5.36 -3.67
C ILE A 207 21.13 -5.29 -4.37
N ALA A 208 20.42 -6.41 -4.40
CA ALA A 208 19.16 -6.49 -5.14
C ALA A 208 18.13 -7.37 -4.43
N MET A 209 18.40 -7.84 -3.21
CA MET A 209 17.45 -8.62 -2.45
C MET A 209 17.54 -8.22 -0.98
N ILE A 210 16.40 -8.31 -0.27
CA ILE A 210 16.36 -7.84 1.11
C ILE A 210 17.29 -8.67 1.99
N ASN A 211 17.46 -9.96 1.70
CA ASN A 211 18.37 -10.80 2.46
C ASN A 211 19.79 -10.80 1.90
N GLY A 212 20.09 -9.94 0.94
CA GLY A 212 21.45 -9.79 0.45
C GLY A 212 21.93 -10.86 -0.51
N LYS A 213 21.11 -11.83 -0.85
CA LYS A 213 21.48 -12.91 -1.75
C LYS A 213 21.20 -12.52 -3.21
N PRO A 214 21.53 -13.38 -4.17
CA PRO A 214 21.43 -12.95 -5.58
C PRO A 214 20.00 -12.72 -6.05
N PHE A 215 19.88 -11.79 -7.00
CA PHE A 215 18.58 -11.32 -7.46
C PHE A 215 17.76 -12.47 -8.05
N LYS A 216 16.50 -12.56 -7.62
CA LYS A 216 15.50 -13.44 -8.22
C LYS A 216 14.22 -12.63 -8.30
N SER A 217 13.70 -12.42 -9.52
CA SER A 217 12.64 -11.43 -9.67
C SER A 217 11.33 -11.89 -9.07
N GLY A 218 10.97 -13.16 -9.25
CA GLY A 218 9.74 -13.65 -8.64
C GLY A 218 9.78 -13.57 -7.13
N LYS A 219 10.91 -13.97 -6.54
CA LYS A 219 11.07 -13.88 -5.09
C LYS A 219 11.11 -12.42 -4.61
N ALA A 220 11.66 -11.52 -5.41
CA ALA A 220 11.62 -10.11 -5.03
C ALA A 220 10.19 -9.63 -4.86
N TYR A 221 9.29 -10.07 -5.74
CA TYR A 221 7.89 -9.69 -5.61
C TYR A 221 7.29 -10.24 -4.31
N LYS A 222 7.49 -11.53 -4.04
CA LYS A 222 6.93 -12.11 -2.83
C LYS A 222 7.53 -11.49 -1.58
N ASP A 223 8.84 -11.22 -1.59
CA ASP A 223 9.46 -10.52 -0.47
C ASP A 223 8.78 -9.18 -0.24
N SER A 224 8.49 -8.44 -1.31
CA SER A 224 7.91 -7.12 -1.17
C SER A 224 6.49 -7.20 -0.60
N LYS A 225 5.74 -8.24 -0.94
CA LYS A 225 4.40 -8.39 -0.36
C LYS A 225 4.48 -8.83 1.10
N LEU A 226 5.49 -9.62 1.46
CA LEU A 226 5.71 -9.93 2.88
C LEU A 226 6.05 -8.67 3.66
N CYS A 227 6.82 -7.75 3.06
CA CYS A 227 7.08 -6.48 3.71
C CYS A 227 5.79 -5.71 3.93
N ASN A 228 4.87 -5.74 2.95
CA ASN A 228 3.57 -5.10 3.12
C ASN A 228 2.84 -5.67 4.34
N MET A 229 2.84 -7.01 4.46
CA MET A 229 2.14 -7.66 5.56
C MET A 229 2.75 -7.29 6.89
N LEU A 230 4.08 -7.29 6.96
CA LEU A 230 4.77 -6.89 8.19
C LEU A 230 4.54 -5.43 8.53
N THR A 231 4.39 -4.57 7.52
CA THR A 231 4.11 -3.17 7.81
C THR A 231 2.71 -3.03 8.39
N ALA A 232 1.73 -3.77 7.86
CA ALA A 232 0.39 -3.72 8.43
C ALA A 232 0.39 -4.16 9.90
N ARG A 233 1.20 -5.17 10.22
N ARG A 233 1.20 -5.18 10.22
CA ARG A 233 1.21 -5.70 11.59
CA ARG A 233 1.22 -5.69 11.59
C ARG A 233 1.89 -4.72 12.54
C ARG A 233 1.89 -4.72 12.54
N GLU A 234 2.99 -4.10 12.12
CA GLU A 234 3.67 -3.11 12.97
C GLU A 234 2.85 -1.83 13.12
N LEU A 235 2.11 -1.44 12.08
CA LEU A 235 1.21 -0.30 12.22
C LEU A 235 0.20 -0.54 13.33
N HIS A 236 -0.44 -1.70 13.31
CA HIS A 236 -1.41 -2.02 14.35
C HIS A 236 -0.76 -2.03 15.74
N ARG A 237 0.37 -2.73 15.87
CA ARG A 237 1.04 -2.84 17.17
C ARG A 237 1.40 -1.46 17.71
N ARG A 238 1.97 -0.61 16.87
CA ARG A 238 2.49 0.65 17.37
C ARG A 238 1.41 1.72 17.51
N PHE A 239 0.39 1.70 16.65
CA PHE A 239 -0.46 2.88 16.53
C PHE A 239 -1.95 2.66 16.77
N HIS A 240 -2.46 1.43 16.76
CA HIS A 240 -3.92 1.30 16.82
C HIS A 240 -4.49 1.88 18.11
N GLU A 241 -3.91 1.54 19.26
CA GLU A 241 -4.43 2.01 20.54
C GLU A 241 -4.26 3.52 20.66
N SER A 242 -3.09 4.00 20.29
CA SER A 242 -2.73 5.42 20.36
C SER A 242 -3.63 6.29 19.48
N THR A 243 -3.99 5.82 18.29
CA THR A 243 -4.69 6.70 17.36
C THR A 243 -6.15 6.35 17.10
N GLY A 244 -6.56 5.13 17.37
CA GLY A 244 -7.87 4.67 17.00
C GLY A 244 -8.03 4.32 15.54
N ILE A 245 -6.98 4.47 14.72
CA ILE A 245 -7.07 4.10 13.33
C ILE A 245 -7.05 2.57 13.22
N VAL A 246 -7.90 2.04 12.33
CA VAL A 246 -7.94 0.61 12.04
C VAL A 246 -6.89 0.32 10.97
N PHE A 247 -5.97 -0.57 11.28
CA PHE A 247 -4.89 -0.96 10.36
C PHE A 247 -5.05 -2.43 10.02
N ASN A 248 -5.39 -2.76 8.78
CA ASN A 248 -5.49 -4.16 8.39
C ASN A 248 -5.04 -4.34 6.94
N SER A 249 -5.08 -5.59 6.49
CA SER A 249 -4.70 -6.00 5.16
C SER A 249 -5.77 -6.93 4.63
N LEU A 250 -5.71 -7.22 3.32
CA LEU A 250 -6.64 -8.16 2.74
C LEU A 250 -6.01 -8.80 1.51
N TYR A 251 -6.47 -10.02 1.21
CA TYR A 251 -6.21 -10.70 -0.06
C TYR A 251 -7.56 -10.87 -0.75
N PRO A 252 -7.83 -10.15 -1.84
CA PRO A 252 -9.16 -10.18 -2.44
C PRO A 252 -9.46 -11.44 -3.25
N GLY A 253 -8.48 -12.29 -3.48
CA GLY A 253 -8.61 -13.44 -4.35
C GLY A 253 -7.71 -13.32 -5.58
N CYS A 254 -7.66 -14.41 -6.33
CA CYS A 254 -6.87 -14.44 -7.56
C CYS A 254 -7.64 -13.74 -8.67
N VAL A 255 -7.16 -12.59 -9.10
CA VAL A 255 -7.84 -11.75 -10.08
C VAL A 255 -7.14 -11.87 -11.44
N ALA A 256 -7.32 -13.00 -12.12
CA ALA A 256 -6.85 -13.12 -13.49
C ALA A 256 -7.32 -11.91 -14.29
N ASP A 257 -6.39 -11.29 -15.01
CA ASP A 257 -6.55 -9.95 -15.59
C ASP A 257 -6.10 -8.90 -14.58
N TYR A 283 -10.33 -17.95 -9.18
CA TYR A 283 -10.35 -16.66 -9.86
C TYR A 283 -11.58 -15.85 -9.48
N VAL A 284 -11.40 -14.54 -9.32
CA VAL A 284 -12.52 -13.62 -9.11
C VAL A 284 -12.28 -12.40 -10.00
N SER A 285 -13.37 -11.71 -10.33
CA SER A 285 -13.30 -10.63 -11.28
C SER A 285 -12.66 -9.40 -10.65
N GLN A 286 -12.09 -8.55 -11.51
CA GLN A 286 -11.56 -7.27 -11.05
C GLN A 286 -12.64 -6.45 -10.36
N GLU A 287 -13.87 -6.52 -10.88
CA GLU A 287 -14.97 -5.76 -10.28
C GLU A 287 -15.26 -6.25 -8.87
N LEU A 288 -15.33 -7.57 -8.68
CA LEU A 288 -15.59 -8.09 -7.35
C LEU A 288 -14.44 -7.78 -6.39
N ALA A 289 -13.19 -7.94 -6.86
CA ALA A 289 -12.06 -7.60 -6.00
C ALA A 289 -12.12 -6.16 -5.53
N GLY A 290 -12.49 -5.25 -6.43
CA GLY A 290 -12.63 -3.86 -6.04
C GLY A 290 -13.72 -3.65 -5.01
N GLU A 291 -14.82 -4.40 -5.13
CA GLU A 291 -15.90 -4.28 -4.15
C GLU A 291 -15.46 -4.81 -2.79
N ARG A 292 -14.62 -5.85 -2.78
CA ARG A 292 -14.09 -6.36 -1.53
C ARG A 292 -13.19 -5.32 -0.85
N VAL A 293 -12.34 -4.64 -1.62
CA VAL A 293 -11.56 -3.56 -1.07
C VAL A 293 -12.48 -2.51 -0.45
N ALA A 294 -13.58 -2.19 -1.13
CA ALA A 294 -14.48 -1.15 -0.61
C ALA A 294 -15.12 -1.57 0.71
N MET A 295 -15.50 -2.85 0.82
N MET A 295 -15.49 -2.84 0.82
CA MET A 295 -16.06 -3.33 2.07
CA MET A 295 -16.06 -3.33 2.07
C MET A 295 -15.07 -3.17 3.22
C MET A 295 -15.07 -3.17 3.22
N VAL A 296 -13.82 -3.57 2.99
CA VAL A 296 -12.81 -3.48 4.05
C VAL A 296 -12.59 -2.03 4.46
N VAL A 297 -12.70 -1.12 3.49
CA VAL A 297 -12.51 0.30 3.78
C VAL A 297 -13.71 0.86 4.53
N ALA A 298 -14.92 0.47 4.15
CA ALA A 298 -16.11 1.22 4.50
C ALA A 298 -17.12 0.50 5.38
N ASP A 299 -17.17 -0.83 5.35
CA ASP A 299 -18.32 -1.47 6.00
C ASP A 299 -18.05 -1.72 7.48
N PRO A 300 -19.06 -1.59 8.34
CA PRO A 300 -18.82 -1.80 9.79
C PRO A 300 -18.36 -3.19 10.15
N GLU A 301 -18.73 -4.19 9.37
CA GLU A 301 -18.35 -5.58 9.70
C GLU A 301 -16.85 -5.79 9.62
N PHE A 302 -16.11 -4.89 8.99
CA PHE A 302 -14.67 -5.01 8.81
C PHE A 302 -13.89 -4.06 9.72
N ARG A 303 -14.55 -3.47 10.71
CA ARG A 303 -13.92 -2.50 11.62
C ARG A 303 -13.23 -3.24 12.76
N GLN A 304 -12.14 -3.91 12.40
CA GLN A 304 -11.32 -4.67 13.33
C GLN A 304 -9.87 -4.48 12.92
N SER A 305 -9.05 -3.96 13.83
CA SER A 305 -7.65 -3.65 13.54
C SER A 305 -6.78 -4.89 13.77
N GLY A 306 -5.73 -4.99 12.96
CA GLY A 306 -4.71 -6.00 13.16
C GLY A 306 -4.96 -7.35 12.53
N VAL A 307 -5.88 -7.44 11.58
CA VAL A 307 -6.26 -8.71 10.98
C VAL A 307 -6.01 -8.66 9.48
N HIS A 308 -5.85 -9.85 8.91
CA HIS A 308 -5.71 -10.04 7.47
C HIS A 308 -6.97 -10.74 6.97
N TRP A 309 -7.73 -10.04 6.12
CA TRP A 309 -9.00 -10.54 5.60
C TRP A 309 -8.78 -11.33 4.32
N SER A 310 -9.49 -12.44 4.19
CA SER A 310 -9.41 -13.30 3.01
C SER A 310 -10.76 -13.92 2.75
N TRP A 311 -11.00 -14.31 1.50
CA TRP A 311 -12.26 -14.96 1.15
C TRP A 311 -12.06 -16.42 0.73
N LYS A 320 -18.64 -14.29 3.53
CA LYS A 320 -17.67 -15.26 3.05
C LYS A 320 -16.22 -14.88 3.42
N ALA A 321 -16.02 -13.66 3.92
CA ALA A 321 -14.70 -13.24 4.36
C ALA A 321 -14.37 -13.83 5.73
N PHE A 322 -13.09 -14.13 5.95
CA PHE A 322 -12.65 -14.65 7.24
C PHE A 322 -11.30 -14.05 7.62
N VAL A 323 -10.98 -14.13 8.90
CA VAL A 323 -9.69 -13.68 9.42
C VAL A 323 -8.67 -14.80 9.18
N GLN A 324 -7.62 -14.48 8.43
N GLN A 324 -7.65 -14.50 8.38
CA GLN A 324 -6.61 -15.44 8.00
CA GLN A 324 -6.65 -15.49 8.02
C GLN A 324 -5.42 -15.40 8.95
C GLN A 324 -5.47 -15.41 8.99
N GLU A 325 -5.07 -16.55 9.53
CA GLU A 325 -3.89 -16.61 10.38
C GLU A 325 -2.65 -16.47 9.51
N LEU A 326 -1.66 -15.73 10.00
CA LEU A 326 -0.51 -15.41 9.18
C LEU A 326 0.63 -16.39 9.40
N SER A 327 1.54 -16.41 8.42
CA SER A 327 2.74 -17.22 8.49
C SER A 327 3.61 -16.81 9.68
N ALA A 328 4.49 -17.73 10.08
CA ALA A 328 5.48 -17.43 11.11
C ALA A 328 6.26 -16.17 10.77
N GLU A 329 6.78 -16.07 9.53
CA GLU A 329 7.61 -14.91 9.21
C GLU A 329 6.81 -13.62 9.27
N ALA A 330 5.55 -13.64 8.82
CA ALA A 330 4.72 -12.45 8.85
C ALA A 330 4.27 -12.09 10.27
N SER A 331 4.29 -13.05 11.20
N SER A 331 4.28 -13.05 11.20
CA SER A 331 3.91 -12.81 12.58
CA SER A 331 3.90 -12.77 12.58
C SER A 331 5.10 -12.48 13.48
C SER A 331 5.11 -12.56 13.49
N ASP A 332 6.31 -12.43 12.91
CA ASP A 332 7.53 -12.20 13.67
C ASP A 332 7.60 -10.73 14.06
N GLU A 333 7.35 -10.43 15.33
CA GLU A 333 7.21 -9.03 15.75
C GLU A 333 8.57 -8.32 15.81
N GLN A 334 9.62 -9.03 16.19
CA GLN A 334 10.95 -8.42 16.14
C GLN A 334 11.32 -8.04 14.71
N LYS A 335 11.02 -8.93 13.77
CA LYS A 335 11.36 -8.66 12.37
C LYS A 335 10.55 -7.48 11.82
N ALA A 336 9.27 -7.42 12.16
CA ALA A 336 8.44 -6.31 11.71
C ALA A 336 8.97 -4.98 12.24
N ARG A 337 9.43 -4.96 13.49
CA ARG A 337 9.99 -3.73 14.04
C ARG A 337 11.32 -3.39 13.38
N ARG A 338 12.19 -4.38 13.15
N ARG A 338 12.18 -4.39 13.15
CA ARG A 338 13.47 -4.07 12.53
CA ARG A 338 13.46 -4.13 12.52
C ARG A 338 13.29 -3.66 11.06
C ARG A 338 13.29 -3.68 11.08
N LEU A 339 12.35 -4.29 10.36
CA LEU A 339 12.05 -3.83 8.99
C LEU A 339 11.65 -2.37 9.00
N TRP A 340 10.83 -1.98 9.98
CA TRP A 340 10.39 -0.60 10.09
C TRP A 340 11.57 0.35 10.28
N GLU A 341 12.44 0.03 11.24
CA GLU A 341 13.57 0.91 11.55
C GLU A 341 14.49 1.07 10.33
N LEU A 342 14.80 -0.04 9.67
CA LEU A 342 15.66 0.02 8.50
C LEU A 342 15.00 0.77 7.35
N SER A 343 13.68 0.59 7.19
CA SER A 343 12.98 1.28 6.10
C SER A 343 12.96 2.79 6.31
N GLU A 344 12.78 3.24 7.56
CA GLU A 344 12.88 4.67 7.84
C GLU A 344 14.21 5.24 7.36
N LYS A 345 15.29 4.50 7.60
CA LYS A 345 16.62 4.93 7.16
C LYS A 345 16.68 5.03 5.64
N LEU A 346 16.17 4.00 4.96
CA LEU A 346 16.30 3.98 3.50
C LEU A 346 15.49 5.08 2.83
N VAL A 347 14.41 5.54 3.45
CA VAL A 347 13.55 6.54 2.81
C VAL A 347 13.78 7.95 3.38
N GLY A 348 14.76 8.11 4.27
CA GLY A 348 15.10 9.43 4.74
C GLY A 348 14.25 9.95 5.88
N LEU A 349 13.80 9.07 6.77
CA LEU A 349 13.01 9.47 7.92
C LEU A 349 13.74 9.37 9.24
N ALA A 350 14.95 8.81 9.26
CA ALA A 350 15.65 8.55 10.51
C ALA A 350 16.20 9.83 11.15
PA NAP B . -2.37 -3.98 -11.87
O1A NAP B . -1.13 -4.11 -12.74
O2A NAP B . -3.62 -4.10 -12.69
O5B NAP B . -2.38 -2.48 -11.17
C5B NAP B . -1.23 -2.09 -10.47
C4B NAP B . -1.33 -0.56 -10.24
O4B NAP B . -0.27 -0.28 -9.50
C3B NAP B . -1.30 0.22 -11.57
O3B NAP B . -2.26 1.19 -11.56
C2B NAP B . 0.13 0.77 -11.52
O2B NAP B . 0.22 1.99 -12.37
C1B NAP B . 0.42 0.95 -10.24
N9A NAP B . 1.85 1.07 -10.21
C8A NAP B . 2.88 0.32 -10.61
N7A NAP B . 4.00 1.01 -10.33
C5A NAP B . 3.66 2.17 -9.79
C6A NAP B . 4.41 3.22 -9.33
N6A NAP B . 5.86 3.32 -9.35
N1A NAP B . 3.81 4.29 -8.84
C2A NAP B . 2.46 4.35 -8.76
N3A NAP B . 1.72 3.32 -9.21
C4A NAP B . 2.32 2.23 -9.72
O3 NAP B . -2.31 -5.14 -10.67
PN NAP B . -3.53 -5.62 -9.63
O1N NAP B . -4.82 -4.86 -9.81
O2N NAP B . -3.78 -7.09 -9.89
O5D NAP B . -2.92 -5.50 -8.08
C5D NAP B . -3.25 -4.47 -7.17
C4D NAP B . -2.89 -4.99 -5.73
O4D NAP B . -3.49 -6.15 -5.49
C3D NAP B . -1.39 -5.28 -5.58
O3D NAP B . -0.96 -4.83 -4.36
C2D NAP B . -1.28 -6.83 -5.67
O2D NAP B . -0.04 -7.28 -4.96
C1D NAP B . -2.36 -7.23 -5.07
N1N NAP B . -2.80 -8.59 -5.42
C2N NAP B . -3.18 -8.94 -6.68
C3N NAP B . -3.57 -10.24 -6.94
C7N NAP B . -4.00 -10.65 -8.36
O7N NAP B . -4.49 -11.71 -8.56
N7N NAP B . -3.77 -9.73 -9.47
C4N NAP B . -3.59 -11.16 -5.95
C5N NAP B . -3.21 -10.81 -4.69
C6N NAP B . -2.81 -9.50 -4.44
P2B NAP B . 0.14 1.89 -14.03
O1X NAP B . 0.74 3.16 -14.54
O2X NAP B . 0.89 0.70 -14.58
O3X NAP B . -1.31 1.78 -14.45
H51A NAP B . -1.17 -2.55 -9.62
H52A NAP B . -0.44 -2.29 -11.00
H4B NAP B . -2.15 -0.26 -9.81
H3B NAP B . -1.45 -0.31 -12.37
HO3A NAP B . -2.90 0.94 -12.06
H2B NAP B . 0.76 0.11 -11.84
H1B NAP B . 0.04 1.74 -9.79
H8A NAP B . 2.84 -0.53 -11.00
H61A NAP B . 6.33 2.65 -9.63
H62A NAP B . 6.24 4.04 -9.11
H2A NAP B . 2.05 5.11 -8.41
H51N NAP B . -4.19 -4.26 -7.24
H52N NAP B . -2.73 -3.68 -7.38
H4D NAP B . -3.17 -4.32 -5.09
H3D NAP B . -0.87 -4.86 -6.29
HO3N NAP B . -0.24 -4.37 -4.46
H2D NAP B . -1.25 -7.15 -6.59
HO2N NAP B . -0.23 -7.92 -4.45
H1D NAP B . -2.20 -7.25 -4.12
H2N NAP B . -3.18 -8.31 -7.37
H71N NAP B . -4.01 -9.94 -10.27
H72N NAP B . -3.41 -8.97 -9.31
H4N NAP B . -3.85 -12.04 -6.13
H5N NAP B . -3.22 -11.44 -4.00
H6N NAP B . -2.56 -9.26 -3.58
#